data_4MBO
#
_entry.id   4MBO
#
_cell.length_a   73.356
_cell.length_b   83.235
_cell.length_c   57.056
_cell.angle_alpha   90.00
_cell.angle_beta   90.00
_cell.angle_gamma   90.00
#
_symmetry.space_group_name_H-M   'P 21 21 2'
#
loop_
_entity.id
_entity.type
_entity.pdbx_description
1 polymer 'Serine-rich Repeat Adhesion Glycoprotein (Srr1)'
2 non-polymer 'CALCIUM ION'
3 non-polymer BETA-MERCAPTOETHANOL
4 non-polymer '2-(N-MORPHOLINO)-ETHANESULFONIC ACID'
5 water water
#
_entity_poly.entity_id   1
_entity_poly.type   'polypeptide(L)'
_entity_poly.pdbx_seq_one_letter_code
;MEVSDTEMLGKDVSSELQKVNIALKDNTLSEPGTVKLDSSENLVLNFAFSIASVNEGDVFTVKLSDNLDTQGIGTILKVQ
DIMDETGQLLATGSYSPLTHNITYTWTRYASTLNNIKARVNMPVWPDQRIISKTTSDKQCFTATLNNQVASIEERVQYNS
PSVTEHTNVKTNVRSRIMKLDDERQTETYITQINPEGKEMYFASGLGNLYTIIGSDGTSGSPVNLLNAEVKILKTNSKNL
TDSMDQNYDSPEFEDVTSQYSYTNDGSKITIDWKTNSISSTTSYVVLVKIP(MLZ)QSGVLYSTVSDINQTYGSKYSYGH
TNISGDSDANAEIKLLLEHHHHHH
;
_entity_poly.pdbx_strand_id   A
#
loop_
_chem_comp.id
_chem_comp.type
_chem_comp.name
_chem_comp.formula
BME non-polymer BETA-MERCAPTOETHANOL 'C2 H6 O S'
CA non-polymer 'CALCIUM ION' 'Ca 2'
MES non-polymer '2-(N-MORPHOLINO)-ETHANESULFONIC ACID' 'C6 H13 N O4 S'
#
# COMPACT_ATOMS: atom_id res chain seq x y z
N MET A 8 13.69 0.46 27.82
CA MET A 8 13.83 -0.96 28.26
C MET A 8 14.89 -1.01 29.37
N LEU A 9 14.50 -1.38 30.58
CA LEU A 9 15.45 -1.44 31.70
C LEU A 9 16.09 -2.83 31.78
N GLY A 10 15.29 -3.85 31.51
CA GLY A 10 15.76 -5.22 31.52
C GLY A 10 14.74 -6.14 30.85
N LYS A 11 15.06 -7.43 30.81
CA LYS A 11 14.16 -8.45 30.25
C LYS A 11 14.20 -8.70 28.73
N ASP A 12 14.99 -7.90 27.97
CA ASP A 12 15.19 -8.18 26.52
C ASP A 12 16.35 -9.19 26.44
N VAL A 13 16.01 -10.41 26.02
CA VAL A 13 16.93 -11.55 25.94
C VAL A 13 17.62 -11.76 24.57
N SER A 14 17.53 -10.76 23.66
CA SER A 14 18.12 -10.88 22.33
C SER A 14 19.62 -11.17 22.38
N SER A 15 20.29 -10.66 23.42
CA SER A 15 21.74 -10.85 23.57
C SER A 15 22.14 -12.27 24.03
N GLU A 16 21.17 -13.10 24.43
CA GLU A 16 21.41 -14.49 24.93
C GLU A 16 21.03 -15.60 23.93
N LEU A 17 20.46 -15.18 22.81
CA LEU A 17 20.08 -16.13 21.78
C LEU A 17 21.34 -16.76 21.21
N GLN A 18 21.28 -18.05 20.86
CA GLN A 18 22.41 -18.77 20.29
C GLN A 18 22.10 -19.28 18.89
N LYS A 19 23.15 -19.56 18.11
CA LYS A 19 22.99 -20.10 16.76
C LYS A 19 22.08 -19.19 15.94
N VAL A 20 22.20 -17.89 16.15
CA VAL A 20 21.35 -16.97 15.44
C VAL A 20 21.69 -16.87 13.94
N ASN A 21 20.64 -16.97 13.12
N ASN A 21 20.66 -16.94 13.10
CA ASN A 21 20.70 -16.85 11.67
CA ASN A 21 20.86 -16.62 11.70
C ASN A 21 19.61 -15.84 11.28
C ASN A 21 19.62 -15.85 11.24
N ILE A 22 19.86 -15.02 10.25
CA ILE A 22 18.83 -14.12 9.74
C ILE A 22 19.16 -13.86 8.27
N ALA A 23 18.14 -13.75 7.44
CA ALA A 23 18.31 -13.53 6.03
C ALA A 23 17.12 -12.85 5.41
N LEU A 24 17.43 -12.06 4.36
CA LEU A 24 16.43 -11.41 3.51
C LEU A 24 16.60 -12.01 2.12
N LYS A 25 15.49 -12.49 1.55
N LYS A 25 15.48 -12.46 1.55
CA LYS A 25 15.51 -13.15 0.25
CA LYS A 25 15.49 -13.11 0.27
C LYS A 25 14.47 -12.61 -0.72
C LYS A 25 14.55 -12.46 -0.72
N ASP A 26 14.79 -12.69 -2.00
CA ASP A 26 13.94 -12.16 -3.07
C ASP A 26 13.65 -13.19 -4.18
N ASN A 27 13.73 -14.46 -3.83
N ASN A 27 13.73 -14.47 -3.86
CA ASN A 27 13.52 -15.53 -4.80
CA ASN A 27 13.53 -15.52 -4.88
C ASN A 27 12.14 -15.48 -5.46
C ASN A 27 12.06 -15.72 -5.32
N THR A 28 11.14 -15.00 -4.71
CA THR A 28 9.75 -15.01 -5.19
C THR A 28 9.46 -13.84 -6.16
N LEU A 29 10.38 -12.88 -6.29
CA LEU A 29 10.18 -11.76 -7.21
C LEU A 29 10.24 -12.26 -8.66
N SER A 30 9.42 -11.69 -9.52
CA SER A 30 9.43 -12.04 -10.93
C SER A 30 10.77 -11.69 -11.58
N GLU A 31 11.32 -10.53 -11.19
CA GLU A 31 12.62 -10.09 -11.67
C GLU A 31 13.45 -9.61 -10.46
N PRO A 32 14.21 -10.53 -9.85
CA PRO A 32 15.05 -10.16 -8.71
C PRO A 32 15.83 -8.88 -9.01
N GLY A 33 15.86 -7.96 -8.05
CA GLY A 33 16.47 -6.66 -8.25
C GLY A 33 15.45 -5.55 -8.20
N THR A 34 14.17 -5.90 -8.44
CA THR A 34 13.07 -4.92 -8.43
C THR A 34 11.85 -5.50 -7.70
N VAL A 35 11.31 -4.78 -6.72
CA VAL A 35 10.06 -5.19 -6.06
C VAL A 35 8.91 -4.41 -6.72
N LYS A 36 8.01 -5.13 -7.35
CA LYS A 36 6.85 -4.54 -8.05
C LYS A 36 5.68 -4.47 -7.08
N LEU A 37 5.52 -3.30 -6.47
CA LEU A 37 4.48 -3.12 -5.45
C LEU A 37 3.07 -3.01 -6.00
N ASP A 38 2.94 -2.93 -7.32
CA ASP A 38 1.63 -2.94 -7.96
C ASP A 38 1.37 -4.27 -8.69
N SER A 39 2.25 -5.25 -8.41
CA SER A 39 2.12 -6.63 -8.87
C SER A 39 2.17 -7.59 -7.68
N SER A 40 1.77 -7.09 -6.52
N SER A 40 1.78 -7.11 -6.50
CA SER A 40 1.69 -7.87 -5.30
CA SER A 40 1.68 -7.90 -5.27
C SER A 40 2.98 -8.65 -5.00
C SER A 40 2.99 -8.56 -4.77
N GLU A 41 4.13 -7.97 -5.10
CA GLU A 41 5.42 -8.56 -4.72
C GLU A 41 5.90 -8.10 -3.34
N ASN A 42 6.79 -8.91 -2.74
CA ASN A 42 7.35 -8.61 -1.45
C ASN A 42 8.64 -9.39 -1.30
N LEU A 43 9.35 -9.09 -0.24
CA LEU A 43 10.57 -9.80 0.14
C LEU A 43 10.21 -10.80 1.21
N VAL A 44 11.17 -11.67 1.56
CA VAL A 44 10.93 -12.66 2.60
C VAL A 44 12.04 -12.56 3.65
N LEU A 45 11.61 -12.50 4.90
CA LEU A 45 12.51 -12.50 6.05
C LEU A 45 12.47 -13.85 6.74
N ASN A 46 13.65 -14.39 7.04
CA ASN A 46 13.66 -15.56 7.88
C ASN A 46 14.74 -15.45 8.94
N PHE A 47 14.47 -16.05 10.09
CA PHE A 47 15.44 -16.08 11.17
C PHE A 47 15.24 -17.31 12.01
N ALA A 48 16.26 -17.68 12.77
CA ALA A 48 16.18 -18.84 13.63
C ALA A 48 17.25 -18.70 14.71
N PHE A 49 17.03 -19.40 15.81
CA PHE A 49 17.97 -19.43 16.92
C PHE A 49 17.56 -20.50 17.93
N SER A 50 18.43 -20.75 18.90
CA SER A 50 18.16 -21.58 20.04
C SER A 50 18.33 -20.73 21.30
N ILE A 51 17.63 -21.13 22.36
CA ILE A 51 17.78 -20.46 23.66
C ILE A 51 17.55 -21.50 24.77
N ALA A 52 18.47 -21.58 25.73
CA ALA A 52 18.38 -22.61 26.78
C ALA A 52 17.10 -22.55 27.61
N SER A 53 16.75 -21.35 28.05
CA SER A 53 15.54 -21.17 28.80
C SER A 53 15.15 -19.72 28.81
N VAL A 54 13.86 -19.47 29.03
CA VAL A 54 13.32 -18.14 29.08
C VAL A 54 12.30 -18.01 30.21
N ASN A 55 11.96 -16.76 30.55
CA ASN A 55 10.94 -16.45 31.52
C ASN A 55 9.75 -15.84 30.82
N GLU A 56 8.55 -16.11 31.35
CA GLU A 56 7.32 -15.57 30.86
C GLU A 56 7.46 -14.06 30.84
N GLY A 57 7.15 -13.47 29.70
CA GLY A 57 7.18 -12.02 29.57
C GLY A 57 8.49 -11.46 29.09
N ASP A 58 9.55 -12.27 29.06
CA ASP A 58 10.81 -11.81 28.48
C ASP A 58 10.57 -11.59 27.01
N VAL A 59 11.41 -10.77 26.40
CA VAL A 59 11.24 -10.44 25.00
C VAL A 59 12.50 -10.60 24.19
N PHE A 60 12.36 -10.67 22.87
CA PHE A 60 13.49 -10.52 21.96
C PHE A 60 13.00 -9.68 20.81
N THR A 61 13.93 -9.02 20.10
CA THR A 61 13.55 -8.06 19.11
C THR A 61 14.26 -8.28 17.78
N VAL A 62 13.47 -8.35 16.71
CA VAL A 62 14.02 -8.36 15.34
C VAL A 62 13.88 -6.93 14.81
N LYS A 63 14.99 -6.31 14.48
CA LYS A 63 15.00 -4.92 14.04
C LYS A 63 15.00 -4.83 12.52
N LEU A 64 14.09 -4.03 11.96
CA LEU A 64 14.08 -3.81 10.53
C LEU A 64 14.53 -2.34 10.25
N SER A 65 15.08 -2.12 9.07
CA SER A 65 15.41 -0.79 8.63
C SER A 65 14.13 0.04 8.50
N ASP A 66 14.27 1.36 8.52
CA ASP A 66 13.13 2.25 8.46
C ASP A 66 12.30 2.13 7.22
N ASN A 67 12.85 1.52 6.17
CA ASN A 67 12.12 1.41 4.94
C ASN A 67 11.51 0.05 4.71
N LEU A 68 11.33 -0.73 5.78
N LEU A 68 11.41 -0.76 5.78
CA LEU A 68 10.83 -2.09 5.67
CA LEU A 68 10.76 -2.08 5.72
C LEU A 68 9.75 -2.33 6.71
C LEU A 68 9.60 -2.13 6.69
N ASP A 69 8.60 -2.92 6.33
CA ASP A 69 7.50 -3.21 7.25
C ASP A 69 6.98 -4.63 7.02
N THR A 70 6.14 -5.10 7.93
CA THR A 70 5.54 -6.43 7.88
C THR A 70 4.12 -6.43 7.33
N GLN A 71 3.74 -5.30 6.73
CA GLN A 71 2.35 -5.04 6.33
C GLN A 71 1.97 -4.94 4.84
N GLY A 72 2.76 -4.24 4.05
CA GLY A 72 2.39 -3.96 2.67
C GLY A 72 1.26 -2.94 2.71
N ILE A 73 0.07 -3.36 2.24
CA ILE A 73 -1.12 -2.47 2.28
C ILE A 73 -2.01 -2.73 3.50
N GLY A 74 -1.58 -3.64 4.37
CA GLY A 74 -2.36 -3.99 5.53
C GLY A 74 -2.19 -3.12 6.75
N THR A 75 -3.01 -3.38 7.75
CA THR A 75 -3.01 -2.62 9.00
C THR A 75 -2.75 -3.47 10.23
N ILE A 76 -2.55 -4.76 10.06
CA ILE A 76 -2.33 -5.65 11.22
C ILE A 76 -0.96 -5.41 11.83
N LEU A 77 -0.94 -5.31 13.16
CA LEU A 77 0.35 -5.15 13.87
C LEU A 77 0.93 -6.48 14.33
N LYS A 78 0.07 -7.43 14.65
N LYS A 78 0.05 -7.43 14.66
CA LYS A 78 0.51 -8.74 15.06
CA LYS A 78 0.46 -8.77 15.07
C LYS A 78 1.31 -9.37 13.92
C LYS A 78 1.19 -9.50 13.94
N VAL A 79 2.22 -10.26 14.30
CA VAL A 79 2.90 -11.11 13.32
C VAL A 79 2.52 -12.55 13.73
N GLN A 80 2.96 -13.56 12.98
CA GLN A 80 2.57 -14.91 13.37
C GLN A 80 3.27 -15.37 14.64
N ASP A 81 2.54 -16.18 15.38
CA ASP A 81 3.05 -16.78 16.58
C ASP A 81 4.22 -17.70 16.24
N ILE A 82 5.07 -17.91 17.23
CA ILE A 82 6.14 -18.88 17.12
C ILE A 82 5.68 -20.11 17.90
N MET A 83 5.66 -21.28 17.24
CA MET A 83 5.20 -22.50 17.83
C MET A 83 6.33 -23.50 17.94
N ASP A 84 6.19 -24.45 18.87
CA ASP A 84 7.17 -25.52 18.97
C ASP A 84 6.65 -26.76 18.22
N GLU A 85 7.39 -27.85 18.29
CA GLU A 85 7.04 -29.04 17.50
C GLU A 85 5.73 -29.71 17.94
N THR A 86 5.29 -29.42 19.17
CA THR A 86 4.05 -29.98 19.69
C THR A 86 2.84 -29.14 19.26
N GLY A 87 3.09 -28.06 18.53
CA GLY A 87 2.01 -27.17 18.11
C GLY A 87 1.63 -26.15 19.18
N GLN A 88 2.38 -26.11 20.29
CA GLN A 88 2.08 -25.16 21.38
C GLN A 88 2.81 -23.81 21.18
N LEU A 89 2.24 -22.75 21.75
CA LEU A 89 2.73 -21.39 21.49
C LEU A 89 3.93 -21.00 22.37
N LEU A 90 5.06 -20.69 21.72
CA LEU A 90 6.28 -20.25 22.41
C LEU A 90 6.31 -18.73 22.61
N ALA A 91 5.86 -17.99 21.62
CA ALA A 91 5.91 -16.53 21.71
C ALA A 91 4.95 -15.87 20.76
N THR A 92 4.46 -14.69 21.15
CA THR A 92 3.61 -13.92 20.28
C THR A 92 4.41 -12.68 19.89
N GLY A 93 4.08 -12.06 18.78
CA GLY A 93 4.85 -10.94 18.33
C GLY A 93 4.05 -9.84 17.69
N SER A 94 4.63 -8.65 17.69
CA SER A 94 3.99 -7.51 17.07
C SER A 94 5.02 -6.58 16.45
N TYR A 95 4.62 -5.99 15.34
CA TYR A 95 5.41 -5.01 14.63
C TYR A 95 5.00 -3.64 15.11
N SER A 96 5.99 -2.76 15.24
CA SER A 96 5.81 -1.37 15.62
C SER A 96 6.15 -0.42 14.52
N PRO A 97 5.17 0.39 14.09
CA PRO A 97 5.43 1.42 13.11
C PRO A 97 6.39 2.49 13.62
N LEU A 98 6.45 2.66 14.93
CA LEU A 98 7.32 3.63 15.53
C LEU A 98 8.78 3.29 15.38
N THR A 99 9.15 2.04 15.69
CA THR A 99 10.55 1.65 15.69
C THR A 99 10.98 0.78 14.49
N HIS A 100 9.99 0.25 13.79
CA HIS A 100 10.22 -0.73 12.72
C HIS A 100 10.81 -2.03 13.30
N ASN A 101 10.54 -2.28 14.57
CA ASN A 101 10.98 -3.53 15.19
C ASN A 101 9.83 -4.49 15.39
N ILE A 102 10.15 -5.78 15.31
CA ILE A 102 9.22 -6.84 15.65
C ILE A 102 9.62 -7.37 17.04
N THR A 103 8.73 -7.23 18.00
CA THR A 103 8.98 -7.63 19.36
C THR A 103 8.18 -8.89 19.65
N TYR A 104 8.90 -9.92 20.08
CA TYR A 104 8.32 -11.19 20.48
C TYR A 104 8.40 -11.34 22.00
N THR A 105 7.30 -11.82 22.59
CA THR A 105 7.21 -12.03 24.02
C THR A 105 6.99 -13.51 24.34
N TRP A 106 7.88 -14.09 25.15
CA TRP A 106 7.79 -15.49 25.50
C TRP A 106 6.56 -15.79 26.38
N THR A 107 5.96 -16.93 26.14
CA THR A 107 4.79 -17.35 26.91
C THR A 107 5.10 -18.11 28.20
N ARG A 108 4.08 -18.33 29.01
CA ARG A 108 4.21 -19.13 30.22
C ARG A 108 4.65 -20.54 29.78
N TYR A 109 4.03 -21.05 28.73
CA TYR A 109 4.40 -22.39 28.22
C TYR A 109 5.89 -22.44 27.89
N ALA A 110 6.38 -21.43 27.18
CA ALA A 110 7.80 -21.41 26.85
C ALA A 110 8.70 -21.44 28.08
N SER A 111 8.30 -20.76 29.16
CA SER A 111 9.10 -20.70 30.38
C SER A 111 9.25 -22.06 31.10
N THR A 112 8.45 -23.06 30.70
CA THR A 112 8.50 -24.39 31.31
C THR A 112 9.48 -25.31 30.56
N LEU A 113 9.96 -24.86 29.41
CA LEU A 113 10.82 -25.68 28.58
C LEU A 113 12.31 -25.45 28.77
N ASN A 114 13.07 -26.36 28.18
CA ASN A 114 14.51 -26.24 28.10
C ASN A 114 14.91 -26.48 26.67
N ASN A 115 15.94 -25.76 26.22
CA ASN A 115 16.49 -25.87 24.87
C ASN A 115 15.43 -25.67 23.80
N ILE A 116 14.97 -24.43 23.74
CA ILE A 116 13.96 -24.01 22.81
C ILE A 116 14.58 -23.67 21.46
N LYS A 117 13.90 -24.11 20.40
CA LYS A 117 14.29 -23.76 19.03
C LYS A 117 13.23 -22.85 18.45
N ALA A 118 13.66 -21.79 17.78
CA ALA A 118 12.75 -20.86 17.17
C ALA A 118 13.11 -20.74 15.70
N ARG A 119 12.11 -20.66 14.83
CA ARG A 119 12.36 -20.53 13.40
C ARG A 119 11.15 -19.84 12.82
N VAL A 120 11.40 -18.78 12.04
CA VAL A 120 10.34 -17.99 11.46
C VAL A 120 10.65 -17.56 10.03
N ASN A 121 9.59 -17.60 9.20
N ASN A 121 9.63 -17.58 9.17
CA ASN A 121 9.58 -17.08 7.85
CA ASN A 121 9.74 -16.97 7.83
C ASN A 121 8.40 -16.12 7.79
C ASN A 121 8.45 -16.21 7.58
N MET A 122 8.57 -14.96 7.18
CA MET A 122 7.42 -14.07 6.98
C MET A 122 7.69 -13.09 5.84
N PRO A 123 6.62 -12.64 5.18
CA PRO A 123 6.82 -11.60 4.19
C PRO A 123 7.10 -10.25 4.82
N VAL A 124 7.96 -9.49 4.15
CA VAL A 124 8.23 -8.09 4.52
C VAL A 124 8.20 -7.28 3.23
N TRP A 125 7.82 -6.01 3.36
CA TRP A 125 7.66 -5.14 2.22
C TRP A 125 8.47 -3.86 2.36
N PRO A 126 9.04 -3.36 1.25
CA PRO A 126 9.49 -1.98 1.23
C PRO A 126 8.29 -1.14 1.67
N ASP A 127 8.48 -0.28 2.67
CA ASP A 127 7.37 0.46 3.28
C ASP A 127 6.87 1.51 2.32
N GLN A 128 5.60 1.36 1.92
CA GLN A 128 5.02 2.25 0.91
C GLN A 128 4.87 3.69 1.32
N ARG A 129 4.97 3.95 2.63
CA ARG A 129 4.89 5.31 3.15
C ARG A 129 6.26 6.01 3.11
N ILE A 130 7.33 5.22 3.04
CA ILE A 130 8.72 5.68 3.07
C ILE A 130 9.29 5.70 1.66
N ILE A 131 9.25 4.55 0.97
CA ILE A 131 9.64 4.47 -0.46
C ILE A 131 8.31 4.57 -1.17
N SER A 132 7.81 5.79 -1.25
CA SER A 132 6.48 6.06 -1.78
C SER A 132 6.44 6.36 -3.29
N LYS A 133 7.61 6.44 -3.92
CA LYS A 133 7.72 6.64 -5.35
C LYS A 133 8.64 5.61 -5.98
N THR A 134 8.43 5.36 -7.27
CA THR A 134 9.28 4.43 -8.02
C THR A 134 10.73 4.93 -7.97
N THR A 135 11.67 4.02 -7.78
CA THR A 135 13.07 4.41 -7.67
C THR A 135 13.81 3.87 -8.87
N SER A 136 14.68 4.69 -9.45
CA SER A 136 15.53 4.22 -10.55
C SER A 136 16.68 3.36 -10.03
N ASP A 137 17.09 3.62 -8.80
CA ASP A 137 18.25 2.91 -8.25
C ASP A 137 17.84 1.97 -7.11
N LYS A 138 18.73 1.06 -6.74
CA LYS A 138 18.45 0.10 -5.69
C LYS A 138 18.43 0.74 -4.30
N GLN A 139 17.48 0.30 -3.49
CA GLN A 139 17.31 0.72 -2.11
C GLN A 139 17.91 -0.37 -1.24
N CYS A 140 18.34 -0.01 -0.05
N CYS A 140 18.36 0.01 -0.05
CA CYS A 140 18.98 -0.95 0.89
CA CYS A 140 18.94 -0.91 0.94
C CYS A 140 18.00 -1.34 2.01
C CYS A 140 17.90 -1.34 1.98
N PHE A 141 17.78 -2.64 2.17
CA PHE A 141 16.87 -3.21 3.18
C PHE A 141 17.66 -4.09 4.12
N THR A 142 17.50 -3.91 5.41
CA THR A 142 18.22 -4.70 6.41
C THR A 142 17.34 -5.16 7.57
N ALA A 143 17.82 -6.20 8.24
CA ALA A 143 17.18 -6.74 9.43
C ALA A 143 18.28 -7.23 10.34
N THR A 144 18.09 -7.02 11.64
CA THR A 144 19.06 -7.41 12.66
C THR A 144 18.42 -8.22 13.77
N LEU A 145 19.13 -9.27 14.22
CA LEU A 145 18.70 -10.03 15.37
C LEU A 145 19.99 -10.23 16.19
N ASN A 146 20.06 -9.53 17.32
CA ASN A 146 21.26 -9.51 18.17
C ASN A 146 22.42 -9.02 17.30
N ASN A 147 23.47 -9.82 17.21
CA ASN A 147 24.67 -9.42 16.46
C ASN A 147 24.68 -9.91 15.01
N GLN A 148 23.58 -10.48 14.53
CA GLN A 148 23.53 -10.95 13.15
C GLN A 148 22.66 -10.04 12.33
N VAL A 149 23.13 -9.75 11.12
CA VAL A 149 22.44 -8.81 10.24
C VAL A 149 22.35 -9.34 8.84
N ALA A 150 21.23 -9.05 8.19
CA ALA A 150 21.01 -9.37 6.82
C ALA A 150 20.72 -8.12 6.01
N SER A 151 21.06 -8.17 4.73
CA SER A 151 20.77 -7.07 3.83
C SER A 151 20.46 -7.56 2.44
N ILE A 152 19.68 -6.77 1.75
CA ILE A 152 19.38 -7.02 0.33
C ILE A 152 19.07 -5.69 -0.31
N GLU A 153 19.38 -5.55 -1.59
CA GLU A 153 19.11 -4.32 -2.34
C GLU A 153 18.11 -4.59 -3.46
N GLU A 154 17.16 -3.67 -3.63
CA GLU A 154 16.15 -3.78 -4.67
C GLU A 154 15.64 -2.43 -5.09
N ARG A 155 15.38 -2.23 -6.37
CA ARG A 155 14.62 -1.07 -6.79
C ARG A 155 13.16 -1.32 -6.36
N VAL A 156 12.39 -0.26 -6.25
CA VAL A 156 10.97 -0.35 -5.91
C VAL A 156 10.21 0.28 -7.07
N GLN A 157 9.27 -0.45 -7.61
N GLN A 157 9.28 -0.47 -7.64
CA GLN A 157 8.52 0.03 -8.76
CA GLN A 157 8.55 -0.02 -8.82
C GLN A 157 7.04 0.05 -8.52
C GLN A 157 7.04 -0.01 -8.66
N TYR A 158 6.41 1.13 -8.97
CA TYR A 158 4.98 1.28 -8.96
C TYR A 158 4.55 1.51 -10.41
N ASN A 159 3.31 1.17 -10.71
N ASN A 159 3.24 1.31 -10.63
CA ASN A 159 2.82 1.41 -12.07
CA ASN A 159 2.57 1.57 -11.89
C ASN A 159 2.70 2.86 -12.43
C ASN A 159 2.75 3.00 -12.39
N SER A 160 2.85 3.16 -13.73
N SER A 160 2.71 3.19 -13.70
CA SER A 160 2.73 4.52 -14.24
CA SER A 160 2.74 4.53 -14.25
C SER A 160 1.28 4.85 -14.61
C SER A 160 1.34 4.86 -14.73
N PRO A 161 0.94 6.13 -14.65
CA PRO A 161 -0.41 6.50 -15.06
C PRO A 161 -0.78 6.17 -16.48
N SER A 162 -2.09 6.05 -16.72
N SER A 162 -2.09 6.09 -16.74
CA SER A 162 -2.63 5.91 -18.06
CA SER A 162 -2.63 5.89 -18.06
C SER A 162 -2.69 7.33 -18.60
C SER A 162 -2.78 7.30 -18.64
N VAL A 163 -2.26 7.50 -19.85
CA VAL A 163 -2.23 8.82 -20.49
C VAL A 163 -2.74 8.80 -21.93
N THR A 164 -3.54 9.80 -22.28
CA THR A 164 -4.00 9.99 -23.64
C THR A 164 -3.60 11.42 -24.00
N GLU A 165 -2.89 11.57 -25.12
CA GLU A 165 -2.44 12.89 -25.57
C GLU A 165 -2.72 13.02 -27.06
N HIS A 166 -3.90 13.52 -27.37
CA HIS A 166 -4.31 13.79 -28.74
C HIS A 166 -4.73 15.25 -28.85
N THR A 167 -4.92 15.69 -30.08
CA THR A 167 -5.31 17.05 -30.30
C THR A 167 -6.59 17.45 -29.56
N ASN A 168 -7.59 16.56 -29.56
CA ASN A 168 -8.89 16.90 -29.00
C ASN A 168 -9.17 16.41 -27.57
N VAL A 169 -8.32 15.51 -27.10
CA VAL A 169 -8.43 14.87 -25.79
C VAL A 169 -7.07 14.67 -25.17
N LYS A 170 -6.87 15.26 -23.99
CA LYS A 170 -5.64 15.13 -23.23
C LYS A 170 -6.09 14.78 -21.80
N THR A 171 -5.77 13.58 -21.37
CA THR A 171 -6.16 13.12 -20.06
C THR A 171 -5.09 12.22 -19.47
N ASN A 172 -5.09 12.10 -18.14
CA ASN A 172 -4.21 11.13 -17.47
C ASN A 172 -4.77 10.81 -16.10
N VAL A 173 -4.62 9.55 -15.67
CA VAL A 173 -5.23 9.07 -14.43
C VAL A 173 -4.50 7.84 -13.91
N ARG A 174 -4.61 7.60 -12.62
CA ARG A 174 -4.06 6.40 -11.98
C ARG A 174 -4.85 6.09 -10.73
N SER A 175 -5.00 4.82 -10.37
CA SER A 175 -5.69 4.46 -9.14
C SER A 175 -4.99 3.31 -8.46
N ARG A 176 -5.30 3.10 -7.20
CA ARG A 176 -4.65 2.04 -6.42
C ARG A 176 -5.45 1.68 -5.17
N ILE A 177 -5.54 0.38 -4.85
CA ILE A 177 -6.05 -0.04 -3.60
C ILE A 177 -4.81 0.04 -2.72
N MET A 178 -4.78 1.00 -1.81
CA MET A 178 -3.57 1.22 -1.03
C MET A 178 -3.67 0.92 0.44
N LYS A 179 -4.81 0.41 0.87
CA LYS A 179 -4.99 0.06 2.28
C LYS A 179 -6.11 -0.93 2.45
N LEU A 180 -5.85 -1.94 3.27
CA LEU A 180 -6.85 -2.90 3.71
C LEU A 180 -6.86 -2.85 5.23
N ASP A 181 -7.96 -2.40 5.82
CA ASP A 181 -8.05 -2.26 7.29
C ASP A 181 -8.64 -3.53 7.86
N ASP A 182 -7.84 -4.21 8.69
N ASP A 182 -7.87 -4.24 8.68
CA ASP A 182 -8.21 -5.48 9.29
CA ASP A 182 -8.34 -5.50 9.21
C ASP A 182 -9.39 -5.41 10.25
C ASP A 182 -9.49 -5.35 10.19
N GLU A 183 -9.37 -4.40 11.13
CA GLU A 183 -10.40 -4.22 12.15
C GLU A 183 -11.74 -3.81 11.56
N ARG A 184 -11.70 -2.82 10.69
CA ARG A 184 -12.91 -2.31 10.06
C ARG A 184 -13.40 -3.14 8.87
N GLN A 185 -12.58 -4.05 8.33
CA GLN A 185 -12.92 -4.85 7.12
C GLN A 185 -13.27 -3.94 5.95
N THR A 186 -12.41 -2.95 5.73
CA THR A 186 -12.58 -2.04 4.67
C THR A 186 -11.38 -2.03 3.73
N GLU A 187 -11.55 -1.36 2.60
CA GLU A 187 -10.47 -1.10 1.67
C GLU A 187 -10.56 0.34 1.25
N THR A 188 -9.39 0.91 0.99
CA THR A 188 -9.31 2.28 0.52
C THR A 188 -8.72 2.27 -0.88
N TYR A 189 -9.50 2.82 -1.80
CA TYR A 189 -9.19 2.90 -3.21
C TYR A 189 -9.02 4.36 -3.55
N ILE A 190 -7.84 4.71 -3.97
CA ILE A 190 -7.52 6.10 -4.26
C ILE A 190 -7.25 6.33 -5.74
N THR A 191 -7.82 7.42 -6.25
CA THR A 191 -7.69 7.82 -7.62
C THR A 191 -6.97 9.14 -7.72
N GLN A 192 -5.92 9.19 -8.55
CA GLN A 192 -5.23 10.45 -8.84
C GLN A 192 -5.69 10.93 -10.22
N ILE A 193 -6.20 12.16 -10.24
CA ILE A 193 -6.64 12.80 -11.47
C ILE A 193 -5.54 13.81 -11.84
N ASN A 194 -4.97 13.67 -13.02
CA ASN A 194 -3.82 14.44 -13.46
C ASN A 194 -2.57 14.20 -12.60
N PRO A 195 -2.21 12.93 -12.37
CA PRO A 195 -0.98 12.70 -11.62
C PRO A 195 0.30 13.18 -12.34
N GLU A 196 0.24 13.29 -13.66
CA GLU A 196 1.38 13.74 -14.46
C GLU A 196 1.62 15.26 -14.43
N GLY A 197 0.64 16.00 -13.94
CA GLY A 197 0.77 17.46 -13.91
C GLY A 197 0.88 18.04 -15.32
N LYS A 198 -0.07 17.66 -16.17
N LYS A 198 -0.05 17.67 -16.19
CA LYS A 198 -0.14 18.12 -17.57
CA LYS A 198 -0.10 18.17 -17.56
C LYS A 198 -1.46 18.84 -17.76
C LYS A 198 -1.47 18.77 -17.81
N GLU A 199 -1.60 19.57 -18.86
CA GLU A 199 -2.90 20.12 -19.18
C GLU A 199 -3.83 18.94 -19.50
N MET A 200 -5.05 19.00 -19.00
CA MET A 200 -6.09 18.03 -19.36
C MET A 200 -7.15 18.83 -20.10
N TYR A 201 -7.69 18.25 -21.16
CA TYR A 201 -8.57 18.97 -22.05
C TYR A 201 -9.45 18.09 -22.90
N PHE A 202 -10.68 18.55 -23.08
CA PHE A 202 -11.63 18.01 -24.05
C PHE A 202 -12.03 19.20 -24.92
N ALA A 203 -11.85 19.07 -26.22
CA ALA A 203 -12.21 20.13 -27.17
C ALA A 203 -13.70 20.41 -27.17
N SER A 204 -14.07 21.60 -27.64
N SER A 204 -14.07 21.60 -27.65
CA SER A 204 -15.49 22.00 -27.78
CA SER A 204 -15.48 22.00 -27.77
C SER A 204 -16.27 20.90 -28.49
C SER A 204 -16.27 20.91 -28.49
N GLY A 205 -17.44 20.58 -27.96
CA GLY A 205 -18.29 19.51 -28.51
C GLY A 205 -18.17 18.18 -27.80
N LEU A 206 -17.13 18.03 -26.99
N LEU A 206 -17.13 18.04 -26.99
CA LEU A 206 -16.90 16.78 -26.26
CA LEU A 206 -16.87 16.80 -26.26
C LEU A 206 -17.32 16.82 -24.79
C LEU A 206 -17.29 16.85 -24.79
N GLY A 207 -17.85 17.96 -24.35
CA GLY A 207 -18.34 18.09 -22.98
C GLY A 207 -17.30 18.28 -21.89
N ASN A 208 -17.76 18.18 -20.64
CA ASN A 208 -16.85 18.35 -19.52
C ASN A 208 -16.00 17.10 -19.28
N LEU A 209 -14.94 17.31 -18.50
CA LEU A 209 -14.15 16.20 -17.96
C LEU A 209 -14.93 15.62 -16.75
N TYR A 210 -15.00 14.29 -16.71
CA TYR A 210 -15.64 13.53 -15.63
C TYR A 210 -14.67 12.46 -15.13
N THR A 211 -14.88 12.06 -13.89
CA THR A 211 -14.24 10.86 -13.33
C THR A 211 -15.32 9.86 -12.93
N ILE A 212 -15.23 8.66 -13.53
CA ILE A 212 -16.12 7.58 -13.21
C ILE A 212 -15.29 6.54 -12.45
N ILE A 213 -15.85 6.05 -11.36
CA ILE A 213 -15.25 4.98 -10.55
C ILE A 213 -16.27 3.86 -10.57
N GLY A 214 -15.85 2.67 -10.98
CA GLY A 214 -16.78 1.54 -11.07
C GLY A 214 -16.02 0.24 -11.01
N SER A 215 -16.68 -0.84 -11.42
CA SER A 215 -16.00 -2.15 -11.45
C SER A 215 -16.34 -2.89 -12.74
N ASP A 216 -15.40 -3.71 -13.20
CA ASP A 216 -15.55 -4.45 -14.45
C ASP A 216 -16.28 -5.77 -14.24
N GLY A 217 -15.56 -6.79 -13.78
CA GLY A 217 -16.15 -8.12 -13.55
C GLY A 217 -16.45 -8.85 -14.84
N SER A 221 -20.50 -5.46 -12.69
CA SER A 221 -19.96 -4.65 -11.59
C SER A 221 -20.08 -5.38 -10.25
N PRO A 222 -19.06 -6.18 -9.89
CA PRO A 222 -19.22 -6.90 -8.65
C PRO A 222 -19.10 -6.03 -7.41
N VAL A 223 -18.50 -4.84 -7.50
CA VAL A 223 -18.29 -4.09 -6.28
C VAL A 223 -19.44 -3.16 -5.89
N ASN A 224 -19.88 -3.29 -4.65
CA ASN A 224 -20.96 -2.50 -4.08
C ASN A 224 -20.38 -1.21 -3.52
N LEU A 225 -20.78 -0.08 -4.12
CA LEU A 225 -20.32 1.26 -3.74
C LEU A 225 -21.35 2.08 -2.93
N LEU A 226 -22.52 1.47 -2.69
N LEU A 226 -22.45 1.49 -2.48
CA LEU A 226 -23.63 2.17 -2.02
CA LEU A 226 -23.37 2.27 -1.64
C LEU A 226 -23.19 2.91 -0.77
C LEU A 226 -22.70 2.50 -0.27
N ASN A 227 -22.31 2.31 0.02
N ASN A 227 -23.09 3.52 0.49
CA ASN A 227 -21.89 2.89 1.28
CA ASN A 227 -22.51 3.67 1.80
C ASN A 227 -20.50 3.54 1.21
C ASN A 227 -21.03 4.05 1.74
N ALA A 228 -20.06 3.92 0.01
N ALA A 228 -20.45 4.10 0.54
CA ALA A 228 -18.73 4.52 -0.12
CA ALA A 228 -19.04 4.44 0.41
C ALA A 228 -18.65 5.84 0.61
C ALA A 228 -18.76 5.78 1.05
N GLU A 229 -17.52 6.02 1.30
N GLU A 229 -17.49 6.01 1.39
CA GLU A 229 -17.14 7.30 1.92
CA GLU A 229 -17.04 7.27 1.98
C GLU A 229 -16.20 7.90 0.90
C GLU A 229 -16.13 7.93 0.94
N VAL A 230 -16.54 9.10 0.42
CA VAL A 230 -15.79 9.76 -0.63
C VAL A 230 -15.26 11.11 -0.17
N LYS A 231 -13.97 11.33 -0.41
CA LYS A 231 -13.30 12.58 -0.08
C LYS A 231 -12.51 12.98 -1.32
N ILE A 232 -12.57 14.26 -1.68
CA ILE A 232 -11.86 14.81 -2.83
C ILE A 232 -10.92 15.92 -2.38
N LEU A 233 -9.65 15.78 -2.73
CA LEU A 233 -8.63 16.73 -2.40
C LEU A 233 -8.00 17.32 -3.64
N LYS A 234 -7.55 18.58 -3.54
N LYS A 234 -7.49 18.54 -3.50
CA LYS A 234 -6.87 19.27 -4.66
CA LYS A 234 -6.85 19.28 -4.58
C LYS A 234 -5.44 19.60 -4.23
C LYS A 234 -5.41 19.56 -4.20
N THR A 235 -4.49 19.37 -5.14
CA THR A 235 -3.07 19.64 -4.90
C THR A 235 -2.30 19.77 -6.24
N ASN A 236 -1.07 20.28 -6.16
CA ASN A 236 -0.18 20.30 -7.31
C ASN A 236 0.40 18.90 -7.43
N SER A 237 0.61 18.43 -8.66
CA SER A 237 1.13 17.07 -8.88
C SER A 237 2.45 16.77 -8.22
N LYS A 238 3.26 17.80 -7.97
N LYS A 238 3.26 17.80 -7.99
CA LYS A 238 4.59 17.62 -7.36
CA LYS A 238 4.56 17.61 -7.36
C LYS A 238 4.48 17.10 -5.91
C LYS A 238 4.43 16.95 -5.99
N ASN A 239 3.29 17.13 -5.35
CA ASN A 239 3.06 16.61 -3.99
C ASN A 239 2.56 15.16 -3.95
N LEU A 240 2.30 14.58 -5.11
CA LEU A 240 1.72 13.24 -5.17
C LEU A 240 2.81 12.16 -5.13
N THR A 241 2.51 11.08 -4.42
CA THR A 241 3.38 9.91 -4.39
C THR A 241 2.79 8.87 -5.37
N ASP A 242 3.52 7.78 -5.60
CA ASP A 242 3.04 6.71 -6.45
C ASP A 242 2.28 5.66 -5.61
N SER A 243 2.66 5.49 -4.34
CA SER A 243 1.92 4.54 -3.48
C SER A 243 0.57 5.08 -3.04
N MET A 244 0.42 6.40 -3.06
CA MET A 244 -0.78 7.07 -2.62
C MET A 244 -1.02 6.97 -1.12
N ASP A 245 -0.04 6.44 -0.38
CA ASP A 245 -0.15 6.37 1.08
C ASP A 245 0.65 7.51 1.64
N GLN A 246 -0.01 8.64 1.84
CA GLN A 246 0.70 9.82 2.33
C GLN A 246 -0.22 10.63 3.25
N ASN A 247 0.34 11.67 3.84
CA ASN A 247 -0.40 12.48 4.78
C ASN A 247 -1.29 13.44 4.01
N TYR A 248 -2.57 13.09 3.92
CA TYR A 248 -3.54 13.90 3.18
C TYR A 248 -4.05 15.08 4.00
N ASP A 249 -3.65 15.15 5.27
CA ASP A 249 -4.03 16.27 6.13
C ASP A 249 -2.99 17.39 6.12
N SER A 250 -1.99 17.31 5.23
CA SER A 250 -0.94 18.30 5.20
C SER A 250 -1.44 19.55 4.48
N PRO A 251 -0.72 20.66 4.64
CA PRO A 251 -1.03 21.96 4.00
C PRO A 251 -1.05 21.92 2.47
N GLU A 252 -0.43 20.91 1.87
CA GLU A 252 -0.37 20.84 0.42
C GLU A 252 -1.67 20.36 -0.20
N PHE A 253 -2.58 19.83 0.62
CA PHE A 253 -3.88 19.32 0.15
C PHE A 253 -5.03 20.18 0.64
N GLU A 254 -5.96 20.48 -0.26
CA GLU A 254 -7.15 21.23 0.09
C GLU A 254 -8.32 20.32 -0.11
N ASP A 255 -9.23 20.28 0.84
CA ASP A 255 -10.43 19.45 0.70
C ASP A 255 -11.50 20.20 -0.11
N VAL A 256 -11.80 19.68 -1.29
CA VAL A 256 -12.82 20.27 -2.19
C VAL A 256 -14.03 19.35 -2.38
N THR A 257 -14.22 18.40 -1.46
CA THR A 257 -15.34 17.50 -1.52
C THR A 257 -16.68 18.23 -1.73
N SER A 258 -16.87 19.35 -1.04
CA SER A 258 -18.16 20.05 -1.13
C SER A 258 -18.41 20.74 -2.47
N GLN A 259 -17.34 20.95 -3.23
CA GLN A 259 -17.46 21.59 -4.51
C GLN A 259 -17.87 20.67 -5.64
N TYR A 260 -17.50 19.41 -5.54
CA TYR A 260 -17.72 18.45 -6.62
C TYR A 260 -18.61 17.32 -6.21
N SER A 261 -19.90 17.59 -6.28
CA SER A 261 -20.88 16.57 -5.96
C SER A 261 -20.76 15.39 -6.94
N TYR A 262 -21.28 14.26 -6.53
CA TYR A 262 -21.19 13.09 -7.35
C TYR A 262 -22.47 12.31 -7.30
N THR A 263 -22.69 11.50 -8.32
CA THR A 263 -23.82 10.57 -8.34
C THR A 263 -23.26 9.18 -8.02
N ASN A 264 -24.12 8.33 -7.47
CA ASN A 264 -23.67 6.98 -7.07
C ASN A 264 -24.90 6.09 -7.14
N ASP A 265 -24.91 5.19 -8.12
CA ASP A 265 -26.02 4.24 -8.26
C ASP A 265 -25.72 2.89 -7.64
N GLY A 266 -24.65 2.83 -6.85
CA GLY A 266 -24.21 1.61 -6.20
C GLY A 266 -23.19 0.82 -6.98
N SER A 267 -23.14 1.05 -8.29
CA SER A 267 -22.20 0.38 -9.17
C SER A 267 -21.18 1.34 -9.79
N LYS A 268 -21.56 2.61 -9.94
N LYS A 268 -21.55 2.61 -9.89
CA LYS A 268 -20.65 3.64 -10.47
CA LYS A 268 -20.69 3.63 -10.47
C LYS A 268 -20.82 4.91 -9.69
C LYS A 268 -20.83 4.93 -9.73
N ILE A 269 -19.71 5.56 -9.45
CA ILE A 269 -19.63 6.91 -8.86
C ILE A 269 -19.18 7.82 -10.01
N THR A 270 -19.92 8.90 -10.25
CA THR A 270 -19.65 9.81 -11.33
C THR A 270 -19.45 11.22 -10.79
N ILE A 271 -18.26 11.77 -11.04
CA ILE A 271 -17.88 13.11 -10.61
C ILE A 271 -17.71 13.99 -11.83
N ASP A 272 -18.51 15.07 -11.90
CA ASP A 272 -18.41 16.09 -12.96
C ASP A 272 -17.38 17.13 -12.47
N TRP A 273 -16.29 17.30 -13.21
CA TRP A 273 -15.27 18.30 -12.84
C TRP A 273 -15.68 19.73 -13.19
N LYS A 274 -16.82 19.86 -13.86
CA LYS A 274 -17.43 21.19 -14.12
C LYS A 274 -16.62 22.09 -15.03
N THR A 275 -15.81 21.47 -15.86
CA THR A 275 -14.95 22.16 -16.83
C THR A 275 -14.47 21.21 -17.87
N ASN A 276 -14.12 21.74 -19.06
CA ASN A 276 -13.49 20.91 -20.06
C ASN A 276 -11.94 21.03 -20.04
N SER A 277 -11.41 21.78 -19.06
N SER A 277 -11.39 21.79 -19.09
CA SER A 277 -9.99 22.01 -18.95
CA SER A 277 -9.93 21.97 -19.03
C SER A 277 -9.53 22.04 -17.51
C SER A 277 -9.42 22.15 -17.61
N ILE A 278 -8.46 21.29 -17.23
CA ILE A 278 -7.84 21.29 -15.91
C ILE A 278 -6.38 21.64 -16.20
N SER A 279 -5.88 22.64 -15.48
N SER A 279 -5.89 22.63 -15.45
CA SER A 279 -4.52 23.08 -15.74
CA SER A 279 -4.54 23.13 -15.60
C SER A 279 -3.45 22.12 -15.24
C SER A 279 -3.45 22.13 -15.20
N SER A 280 -2.24 22.32 -15.74
CA SER A 280 -1.12 21.44 -15.39
C SER A 280 -0.80 21.42 -13.90
N THR A 281 -1.08 22.53 -13.22
CA THR A 281 -0.81 22.67 -11.79
C THR A 281 -1.94 22.24 -10.88
N THR A 282 -2.99 21.67 -11.45
CA THR A 282 -4.11 21.20 -10.66
C THR A 282 -4.25 19.69 -10.80
N SER A 283 -4.14 19.01 -9.67
CA SER A 283 -4.41 17.57 -9.61
C SER A 283 -5.45 17.32 -8.51
N TYR A 284 -6.25 16.28 -8.67
CA TYR A 284 -7.21 15.92 -7.64
C TYR A 284 -6.94 14.49 -7.19
N VAL A 285 -7.26 14.23 -5.93
CA VAL A 285 -7.17 12.89 -5.37
C VAL A 285 -8.57 12.58 -4.83
N VAL A 286 -9.14 11.46 -5.27
CA VAL A 286 -10.43 11.00 -4.82
C VAL A 286 -10.21 9.75 -3.96
N LEU A 287 -10.57 9.81 -2.69
CA LEU A 287 -10.40 8.67 -1.80
C LEU A 287 -11.75 8.03 -1.60
N VAL A 288 -11.85 6.75 -1.89
CA VAL A 288 -13.09 5.97 -1.71
C VAL A 288 -12.83 4.85 -0.70
N LYS A 289 -13.54 4.89 0.42
N LYS A 289 -13.56 4.88 0.42
CA LYS A 289 -13.45 3.81 1.40
CA LYS A 289 -13.46 3.83 1.45
C LYS A 289 -14.75 3.04 1.34
C LYS A 289 -14.75 3.01 1.47
N ILE A 290 -14.62 1.71 1.21
CA ILE A 290 -15.77 0.81 1.15
C ILE A 290 -15.49 -0.48 1.89
N PRO A 291 -16.54 -1.27 2.18
CA PRO A 291 -16.25 -2.58 2.77
C PRO A 291 -15.38 -3.37 1.84
N MLZ A 292 -14.48 -4.19 2.40
CA MLZ A 292 -13.56 -4.99 1.59
CB MLZ A 292 -12.61 -5.72 2.56
CG MLZ A 292 -11.46 -6.39 1.83
CD MLZ A 292 -10.52 -7.07 2.85
CE MLZ A 292 -9.69 -8.14 2.13
NZ MLZ A 292 -8.85 -8.98 2.94
CM MLZ A 292 -7.76 -9.75 2.35
C MLZ A 292 -14.34 -5.97 0.75
O MLZ A 292 -15.16 -6.72 1.27
N GLN A 293 -14.04 -6.00 -0.53
CA GLN A 293 -14.78 -6.85 -1.49
C GLN A 293 -13.88 -7.29 -2.60
N SER A 294 -14.13 -8.48 -3.13
CA SER A 294 -13.38 -8.94 -4.27
C SER A 294 -13.90 -8.23 -5.50
N GLY A 295 -13.00 -7.91 -6.40
CA GLY A 295 -13.42 -7.28 -7.62
C GLY A 295 -12.43 -6.23 -8.02
N VAL A 296 -12.37 -6.00 -9.32
CA VAL A 296 -11.46 -5.05 -9.89
C VAL A 296 -12.18 -3.72 -10.04
N LEU A 297 -11.62 -2.68 -9.43
CA LEU A 297 -12.20 -1.36 -9.57
C LEU A 297 -11.44 -0.63 -10.67
N TYR A 298 -12.11 0.34 -11.27
CA TYR A 298 -11.46 1.20 -12.25
C TYR A 298 -11.86 2.63 -12.02
N SER A 299 -11.03 3.52 -12.53
CA SER A 299 -11.28 4.97 -12.51
C SER A 299 -10.98 5.56 -13.86
N THR A 300 -11.68 6.65 -14.19
CA THR A 300 -11.43 7.31 -15.45
C THR A 300 -11.26 8.81 -15.30
N VAL A 301 -10.76 9.42 -16.38
CA VAL A 301 -10.91 10.82 -16.63
C VAL A 301 -11.49 10.73 -18.07
N SER A 302 -12.79 10.97 -18.22
CA SER A 302 -13.45 10.67 -19.49
C SER A 302 -14.73 11.42 -19.62
N ASP A 303 -15.45 11.18 -20.72
CA ASP A 303 -16.81 11.65 -20.82
C ASP A 303 -17.68 10.71 -19.95
N ILE A 304 -18.93 11.10 -19.75
CA ILE A 304 -19.81 10.35 -18.86
C ILE A 304 -20.04 8.91 -19.34
N ASN A 305 -19.93 8.69 -20.66
CA ASN A 305 -20.16 7.39 -21.34
C ASN A 305 -18.85 6.56 -21.48
N GLN A 306 -17.73 7.07 -21.00
CA GLN A 306 -16.44 6.35 -21.05
C GLN A 306 -16.08 5.95 -22.47
N THR A 307 -16.25 6.91 -23.37
CA THR A 307 -16.00 6.76 -24.75
C THR A 307 -14.59 7.24 -25.16
N TYR A 308 -14.10 8.24 -24.46
CA TYR A 308 -12.77 8.81 -24.72
C TYR A 308 -12.18 9.31 -23.40
N GLY A 309 -10.86 9.42 -23.40
CA GLY A 309 -10.14 9.87 -22.23
C GLY A 309 -9.19 8.79 -21.79
N SER A 310 -9.10 8.59 -20.48
CA SER A 310 -8.20 7.61 -19.87
C SER A 310 -8.90 6.75 -18.82
N LYS A 311 -8.42 5.52 -18.65
N LYS A 311 -8.42 5.52 -18.66
CA LYS A 311 -8.95 4.59 -17.67
CA LYS A 311 -8.95 4.58 -17.68
C LYS A 311 -7.82 3.80 -17.05
C LYS A 311 -7.79 3.95 -16.92
N TYR A 312 -7.89 3.63 -15.75
N TYR A 312 -8.07 3.48 -15.71
CA TYR A 312 -6.90 2.83 -15.01
CA TYR A 312 -7.06 2.77 -14.93
C TYR A 312 -7.64 1.83 -14.16
C TYR A 312 -7.77 1.77 -14.03
N SER A 313 -7.12 0.59 -14.08
N SER A 313 -7.38 0.49 -14.14
CA SER A 313 -7.80 -0.46 -13.31
CA SER A 313 -8.00 -0.57 -13.34
C SER A 313 -6.91 -0.99 -12.22
C SER A 313 -7.04 -1.19 -12.35
N TYR A 314 -7.53 -1.42 -11.12
CA TYR A 314 -6.77 -2.03 -10.03
C TYR A 314 -7.67 -3.04 -9.29
N GLY A 315 -7.17 -4.25 -9.12
CA GLY A 315 -7.96 -5.32 -8.51
C GLY A 315 -7.59 -5.76 -7.12
N HIS A 316 -8.52 -6.49 -6.50
CA HIS A 316 -8.33 -7.06 -5.17
C HIS A 316 -9.19 -8.34 -5.00
N THR A 317 -8.63 -9.32 -4.29
CA THR A 317 -9.32 -10.58 -4.01
C THR A 317 -9.20 -10.91 -2.53
N ASN A 318 -10.33 -11.28 -1.91
CA ASN A 318 -10.36 -11.62 -0.48
C ASN A 318 -9.64 -12.94 -0.20
CA CA B . 14.33 1.43 14.22
CA CA C . 5.13 12.38 -10.02
CA CA D . 18.46 6.87 -3.49
CA CA E . 1.20 -11.16 -3.10
C1 BME F . 24.10 -1.45 3.17
C2 BME F . 23.44 -2.16 1.97
O1 BME F . 24.07 -2.26 4.34
S2 BME F . 21.70 -2.57 2.33
O1 MES G . -12.81 4.78 -20.80
C2 MES G . -12.81 3.65 -21.68
C3 MES G . -11.43 3.48 -22.30
N4 MES G . -11.04 4.70 -23.02
C5 MES G . -11.10 5.86 -22.12
C6 MES G . -12.48 5.99 -21.47
C7 MES G . -9.65 4.50 -23.53
C8 MES G . -9.13 5.72 -24.27
S MES G . -7.79 5.38 -25.22
O1S MES G . -7.97 4.11 -25.95
O2S MES G . -6.62 5.29 -24.31
O3S MES G . -7.54 6.50 -26.17
#